data_1PT2
#
_entry.id   1PT2
#
_cell.length_a   51.241
_cell.length_b   66.951
_cell.length_c   123.956
_cell.angle_alpha   90.00
_cell.angle_beta   90.00
_cell.angle_gamma   90.00
#
_symmetry.space_group_name_H-M   'P 21 21 21'
#
loop_
_entity.id
_entity.type
_entity.pdbx_description
1 polymer Levansucrase
2 branched beta-D-fructofuranose-(2-1)-alpha-D-glucopyranose
3 non-polymer 'CALCIUM ION'
4 water water
#
_entity_poly.entity_id   1
_entity_poly.type   'polypeptide(L)'
_entity_poly.pdbx_seq_one_letter_code
;ASMKETNQKPYKETYGISHITRHDMLQIPEQQKNEKYQVPEFDSSTIKNISSAKGLDVWDSWPLQNADGTVANYHGYHIV
FALAGDPKNADDTSIYMFYQKVGETSIDSWKNAGRVFKDSDKFDANDSILKDQTQEWSGSATFTSDGKIRLFYTDFSGKH
YGKQTLTTAQVNVSASDSSLNINGVEDYKSIFDGDGKTYQNVQQFIDEGNYSSGDNHTLRDPHYVEDKGHKYLVFEANTG
TEDGYQGEESLFNKAYYGKSTSFFRQESQKLLQSDKKRTAELANGALGMIELNDDYTLKKVMKPLIASNTVTDEIARANV
FKMNGKWYLFTDSRGSKMTIDGITSNDIYMLGYVSNSLTGPYKPLNKTGLVLKMDLDPNDVTFTYSHFAVPQAKGNNVVI
TSYMTNRGFYADKQSTFAPSFLLNIKGKKTSVVKDSILEQGQLTVNK
;
_entity_poly.pdbx_strand_id   A
#
loop_
_chem_comp.id
_chem_comp.type
_chem_comp.name
_chem_comp.formula
CA non-polymer 'CALCIUM ION' 'Ca 2'
FRU D-saccharide, beta linking beta-D-fructofuranose 'C6 H12 O6'
GLC D-saccharide, alpha linking alpha-D-glucopyranose 'C6 H12 O6'
#
# COMPACT_ATOMS: atom_id res chain seq x y z
N GLN A 8 23.40 25.14 5.21
CA GLN A 8 23.15 24.82 6.65
C GLN A 8 24.19 23.82 7.16
N LYS A 9 24.21 23.62 8.48
CA LYS A 9 25.21 22.78 9.14
C LYS A 9 24.68 21.35 9.31
N PRO A 10 25.52 20.34 9.09
CA PRO A 10 25.08 18.95 9.25
C PRO A 10 24.59 18.67 10.67
N TYR A 11 23.50 17.91 10.79
CA TYR A 11 23.02 17.41 12.09
C TYR A 11 22.59 15.95 11.95
N LYS A 12 22.25 15.32 13.07
CA LYS A 12 21.72 13.96 13.06
C LYS A 12 20.50 13.83 13.96
N GLU A 13 19.38 13.39 13.40
CA GLU A 13 18.16 13.19 14.18
C GLU A 13 17.29 12.09 13.56
N THR A 14 17.04 11.04 14.33
CA THR A 14 16.21 9.92 13.89
C THR A 14 14.73 10.11 14.22
N TYR A 15 14.44 10.98 15.18
CA TYR A 15 13.08 11.19 15.74
C TYR A 15 12.50 9.92 16.36
N GLY A 16 13.38 9.03 16.81
CA GLY A 16 12.99 7.76 17.39
C GLY A 16 12.38 6.75 16.43
N ILE A 17 12.49 6.98 15.12
CA ILE A 17 11.85 6.10 14.14
C ILE A 17 12.87 5.52 13.16
N SER A 18 12.43 4.53 12.39
CA SER A 18 13.29 3.94 11.36
C SER A 18 13.24 4.76 10.06
N HIS A 19 14.18 4.47 9.17
CA HIS A 19 14.42 5.28 7.97
C HIS A 19 14.94 4.46 6.78
N ILE A 20 14.33 4.68 5.63
CA ILE A 20 14.83 4.20 4.35
C ILE A 20 15.96 5.15 3.95
N THR A 21 17.21 4.70 4.09
CA THR A 21 18.37 5.56 3.89
C THR A 21 18.86 5.56 2.44
N ARG A 22 19.52 6.65 2.06
CA ARG A 22 20.08 6.78 0.73
C ARG A 22 21.08 5.67 0.48
N HIS A 23 21.88 5.34 1.49
CA HIS A 23 22.93 4.32 1.33
C HIS A 23 22.36 2.95 1.00
N ASP A 24 21.28 2.58 1.67
CA ASP A 24 20.66 1.27 1.45
C ASP A 24 20.04 1.21 0.06
N MET A 25 19.36 2.28 -0.33
CA MET A 25 18.70 2.35 -1.63
C MET A 25 19.69 2.30 -2.79
N LEU A 26 20.89 2.85 -2.57
CA LEU A 26 21.93 2.87 -3.60
C LEU A 26 22.49 1.47 -3.86
N GLN A 27 22.30 0.55 -2.91
CA GLN A 27 22.74 -0.84 -3.09
C GLN A 27 21.80 -1.65 -3.99
N ILE A 28 20.58 -1.17 -4.19
CA ILE A 28 19.54 -1.96 -4.86
C ILE A 28 19.78 -2.22 -6.36
N PRO A 29 20.18 -1.21 -7.14
CA PRO A 29 20.51 -1.43 -8.57
C PRO A 29 21.37 -2.67 -8.90
N GLU A 30 22.41 -2.95 -8.12
CA GLU A 30 23.22 -4.16 -8.32
C GLU A 30 22.51 -5.40 -7.77
N GLN A 31 21.91 -5.27 -6.60
CA GLN A 31 21.22 -6.38 -5.93
C GLN A 31 20.03 -6.95 -6.72
N GLN A 32 19.30 -6.09 -7.44
CA GLN A 32 18.04 -6.46 -8.08
C GLN A 32 18.20 -7.32 -9.32
N LYS A 33 19.44 -7.49 -9.78
CA LYS A 33 19.75 -8.41 -10.87
C LYS A 33 19.61 -9.87 -10.42
N ASN A 34 19.65 -10.09 -9.11
CA ASN A 34 19.42 -11.40 -8.52
C ASN A 34 17.94 -11.80 -8.62
N GLU A 35 17.68 -12.94 -9.26
CA GLU A 35 16.32 -13.43 -9.49
C GLU A 35 15.53 -13.72 -8.20
N LYS A 36 16.23 -13.95 -7.09
CA LYS A 36 15.60 -14.04 -5.77
C LYS A 36 14.69 -12.85 -5.44
N TYR A 37 15.01 -11.67 -5.98
CA TYR A 37 14.28 -10.44 -5.67
C TYR A 37 13.47 -9.89 -6.84
N GLN A 38 13.15 -10.75 -7.82
CA GLN A 38 12.50 -10.32 -9.05
C GLN A 38 11.11 -10.93 -9.20
N VAL A 39 10.13 -10.07 -9.47
CA VAL A 39 8.82 -10.52 -9.92
C VAL A 39 9.05 -11.45 -11.13
N PRO A 40 8.48 -12.66 -11.11
CA PRO A 40 8.74 -13.62 -12.18
C PRO A 40 8.06 -13.22 -13.49
N GLU A 41 8.61 -13.68 -14.60
CA GLU A 41 8.01 -13.44 -15.91
C GLU A 41 6.68 -14.19 -15.99
N PHE A 42 5.64 -13.49 -16.47
CA PHE A 42 4.32 -14.10 -16.66
C PHE A 42 4.08 -14.39 -18.14
N ASP A 43 3.12 -15.27 -18.39
CA ASP A 43 2.80 -15.73 -19.73
C ASP A 43 1.52 -15.02 -20.18
N SER A 44 1.66 -14.04 -21.08
CA SER A 44 0.54 -13.21 -21.52
C SER A 44 -0.65 -13.98 -22.10
N SER A 45 -0.41 -15.14 -22.72
CA SER A 45 -1.50 -15.89 -23.34
C SER A 45 -2.35 -16.69 -22.34
N THR A 46 -2.04 -16.61 -21.05
CA THR A 46 -2.91 -17.16 -19.98
C THR A 46 -3.76 -16.08 -19.29
N ILE A 47 -3.54 -14.83 -19.65
CA ILE A 47 -4.12 -13.69 -18.93
C ILE A 47 -5.51 -13.36 -19.46
N LYS A 48 -6.49 -13.38 -18.56
CA LYS A 48 -7.86 -12.99 -18.84
C LYS A 48 -8.25 -11.73 -18.07
N ASN A 49 -9.22 -11.02 -18.61
CA ASN A 49 -9.94 -9.99 -17.88
C ASN A 49 -10.79 -10.63 -16.80
N ILE A 50 -11.08 -9.90 -15.73
CA ILE A 50 -12.04 -10.36 -14.72
C ILE A 50 -13.41 -10.35 -15.41
N SER A 51 -13.93 -11.56 -15.66
CA SER A 51 -15.15 -11.73 -16.45
C SER A 51 -16.38 -11.05 -15.85
N SER A 52 -16.44 -10.99 -14.53
CA SER A 52 -17.57 -10.39 -13.82
C SER A 52 -17.49 -8.86 -13.70
N ALA A 53 -16.35 -8.29 -14.10
CA ALA A 53 -16.10 -6.86 -13.96
C ALA A 53 -16.51 -6.06 -15.21
N LYS A 54 -16.75 -6.75 -16.32
CA LYS A 54 -17.51 -6.21 -17.46
C LYS A 54 -16.99 -4.89 -18.07
N GLY A 55 -15.78 -4.90 -18.64
CA GLY A 55 -15.23 -3.71 -19.28
C GLY A 55 -14.55 -2.70 -18.36
N LEU A 56 -14.56 -2.95 -17.04
CA LEU A 56 -13.90 -2.07 -16.07
C LEU A 56 -12.43 -2.45 -15.90
N ASP A 57 -11.57 -1.45 -15.69
CA ASP A 57 -10.25 -1.67 -15.11
C ASP A 57 -10.43 -2.04 -13.65
N VAL A 58 -9.71 -3.07 -13.21
CA VAL A 58 -9.68 -3.48 -11.81
C VAL A 58 -8.21 -3.51 -11.38
N TRP A 59 -7.83 -2.58 -10.49
CA TRP A 59 -6.44 -2.51 -10.04
C TRP A 59 -6.27 -2.87 -8.55
N ASP A 60 -5.71 -1.97 -7.73
CA ASP A 60 -5.44 -2.22 -6.31
C ASP A 60 -6.50 -3.09 -5.68
N SER A 61 -6.09 -4.21 -5.12
CA SER A 61 -7.04 -5.13 -4.49
C SER A 61 -6.50 -5.65 -3.16
N TRP A 62 -7.41 -6.01 -2.28
CA TRP A 62 -7.05 -6.57 -0.99
C TRP A 62 -8.11 -7.57 -0.51
N PRO A 63 -7.66 -8.65 0.12
CA PRO A 63 -8.57 -9.67 0.63
C PRO A 63 -9.22 -9.26 1.96
N LEU A 64 -10.42 -9.75 2.22
CA LEU A 64 -10.97 -9.73 3.56
C LEU A 64 -10.03 -10.60 4.37
N GLN A 65 -9.48 -10.04 5.44
CA GLN A 65 -8.46 -10.70 6.25
C GLN A 65 -8.96 -10.88 7.69
N ASN A 66 -8.50 -11.95 8.34
CA ASN A 66 -8.65 -12.08 9.79
C ASN A 66 -7.73 -11.06 10.45
N ALA A 67 -7.84 -10.91 11.76
CA ALA A 67 -7.07 -9.88 12.49
C ALA A 67 -5.55 -9.99 12.29
N ASP A 68 -5.07 -11.22 12.13
CA ASP A 68 -3.64 -11.49 11.93
C ASP A 68 -3.19 -11.43 10.47
N GLY A 69 -4.13 -11.24 9.55
CA GLY A 69 -3.80 -11.02 8.15
C GLY A 69 -4.02 -12.20 7.24
N THR A 70 -4.26 -13.39 7.80
CA THR A 70 -4.65 -14.56 6.99
C THR A 70 -6.00 -14.26 6.35
N VAL A 71 -6.28 -14.95 5.26
CA VAL A 71 -7.48 -14.71 4.47
C VAL A 71 -8.71 -15.24 5.19
N ALA A 72 -9.74 -14.40 5.31
CA ALA A 72 -10.94 -14.74 6.05
C ALA A 72 -11.88 -15.61 5.22
N ASN A 73 -12.69 -16.39 5.93
CA ASN A 73 -13.74 -17.18 5.32
C ASN A 73 -15.10 -16.61 5.75
N TYR A 74 -15.74 -15.92 4.82
CA TYR A 74 -17.07 -15.35 5.03
C TYR A 74 -18.15 -16.29 4.53
N HIS A 75 -18.74 -17.05 5.45
CA HIS A 75 -19.88 -17.91 5.16
C HIS A 75 -19.62 -18.83 3.96
N GLY A 76 -18.40 -19.36 3.89
CA GLY A 76 -17.95 -20.22 2.81
C GLY A 76 -17.32 -19.53 1.60
N TYR A 77 -17.09 -18.22 1.69
CA TYR A 77 -16.56 -17.43 0.57
C TYR A 77 -15.28 -16.69 0.96
N HIS A 78 -14.37 -16.53 0.00
CA HIS A 78 -13.35 -15.50 0.06
C HIS A 78 -13.90 -14.24 -0.58
N ILE A 79 -13.51 -13.09 -0.04
CA ILE A 79 -13.95 -11.79 -0.51
C ILE A 79 -12.69 -10.95 -0.82
N VAL A 80 -12.71 -10.28 -1.97
CA VAL A 80 -11.66 -9.35 -2.35
C VAL A 80 -12.28 -8.00 -2.73
N PHE A 81 -11.79 -6.93 -2.11
CA PHE A 81 -12.14 -5.58 -2.50
C PHE A 81 -11.12 -5.06 -3.51
N ALA A 82 -11.57 -4.28 -4.48
CA ALA A 82 -10.68 -3.76 -5.53
C ALA A 82 -11.15 -2.41 -6.05
N LEU A 83 -10.21 -1.54 -6.38
CA LEU A 83 -10.54 -0.31 -7.08
C LEU A 83 -10.89 -0.66 -8.51
N ALA A 84 -11.93 -0.03 -9.04
CA ALA A 84 -12.35 -0.26 -10.40
C ALA A 84 -13.05 0.94 -10.99
N GLY A 85 -13.01 1.04 -12.31
CA GLY A 85 -13.60 2.19 -12.99
C GLY A 85 -13.39 2.19 -14.49
N ASP A 86 -14.00 3.18 -15.12
CA ASP A 86 -13.94 3.34 -16.57
C ASP A 86 -12.50 3.56 -17.02
N PRO A 87 -12.00 2.71 -17.91
CA PRO A 87 -10.67 2.90 -18.51
C PRO A 87 -10.46 4.27 -19.19
N LYS A 88 -11.51 4.86 -19.73
CA LYS A 88 -11.46 6.20 -20.34
C LYS A 88 -11.34 7.35 -19.31
N ASN A 89 -11.73 7.12 -18.06
CA ASN A 89 -11.75 8.18 -17.04
C ASN A 89 -10.87 7.82 -15.84
N ALA A 90 -9.65 8.38 -15.81
CA ALA A 90 -8.69 8.10 -14.74
C ALA A 90 -9.15 8.56 -13.34
N ASP A 91 -10.07 9.51 -13.28
CA ASP A 91 -10.62 9.99 -12.02
C ASP A 91 -11.89 9.24 -11.57
N ASP A 92 -12.23 8.14 -12.25
CA ASP A 92 -13.36 7.29 -11.89
C ASP A 92 -12.85 6.09 -11.12
N THR A 93 -12.92 6.17 -9.80
CA THR A 93 -12.44 5.12 -8.91
C THR A 93 -13.42 4.84 -7.77
N SER A 94 -13.93 3.61 -7.74
CA SER A 94 -14.80 3.11 -6.66
C SER A 94 -14.37 1.71 -6.20
N ILE A 95 -14.71 1.36 -4.96
CA ILE A 95 -14.43 0.03 -4.44
C ILE A 95 -15.57 -0.91 -4.82
N TYR A 96 -15.21 -2.01 -5.50
CA TYR A 96 -16.12 -3.11 -5.78
C TYR A 96 -15.77 -4.29 -4.88
N MET A 97 -16.73 -5.19 -4.65
CA MET A 97 -16.50 -6.39 -3.87
C MET A 97 -16.68 -7.64 -4.72
N PHE A 98 -15.57 -8.35 -4.95
CA PHE A 98 -15.60 -9.62 -5.62
C PHE A 98 -15.58 -10.74 -4.59
N TYR A 99 -16.05 -11.92 -4.98
CA TYR A 99 -16.08 -13.08 -4.09
C TYR A 99 -16.09 -14.39 -4.87
N GLN A 100 -15.45 -15.40 -4.27
CA GLN A 100 -15.44 -16.77 -4.76
C GLN A 100 -15.79 -17.74 -3.63
N LYS A 101 -16.30 -18.92 -3.97
CA LYS A 101 -16.42 -20.01 -3.00
C LYS A 101 -15.02 -20.48 -2.62
N VAL A 102 -14.86 -20.88 -1.36
CA VAL A 102 -13.58 -21.37 -0.86
C VAL A 102 -13.32 -22.71 -1.53
N GLY A 103 -12.12 -22.87 -2.08
CA GLY A 103 -11.77 -24.03 -2.88
C GLY A 103 -11.51 -23.67 -4.33
N GLU A 104 -12.25 -22.69 -4.83
CA GLU A 104 -12.12 -22.25 -6.23
C GLU A 104 -10.85 -21.40 -6.43
N THR A 105 -10.29 -21.49 -7.63
CA THR A 105 -9.01 -20.84 -7.96
C THR A 105 -9.02 -20.04 -9.26
N SER A 106 -9.87 -20.42 -10.21
CA SER A 106 -9.93 -19.73 -11.49
C SER A 106 -10.31 -18.26 -11.32
N ILE A 107 -9.76 -17.40 -12.17
CA ILE A 107 -10.20 -16.01 -12.27
C ILE A 107 -11.71 -15.91 -12.59
N ASP A 108 -12.24 -16.90 -13.29
CA ASP A 108 -13.66 -16.94 -13.63
C ASP A 108 -14.58 -17.26 -12.44
N SER A 109 -14.00 -17.78 -11.35
CA SER A 109 -14.74 -18.02 -10.10
C SER A 109 -15.11 -16.72 -9.37
N TRP A 110 -14.41 -15.63 -9.67
CA TRP A 110 -14.65 -14.35 -9.02
C TRP A 110 -15.89 -13.65 -9.54
N LYS A 111 -16.96 -13.73 -8.75
CA LYS A 111 -18.22 -13.02 -8.99
C LYS A 111 -18.11 -11.58 -8.49
N ASN A 112 -18.99 -10.71 -8.98
CA ASN A 112 -18.95 -9.27 -8.71
C ASN A 112 -20.23 -8.87 -7.99
N ALA A 113 -20.11 -8.51 -6.72
CA ALA A 113 -21.25 -8.08 -5.92
C ALA A 113 -21.59 -6.60 -6.13
N GLY A 114 -20.86 -5.94 -7.03
CA GLY A 114 -21.03 -4.53 -7.31
C GLY A 114 -20.28 -3.63 -6.35
N ARG A 115 -20.55 -2.34 -6.43
CA ARG A 115 -19.93 -1.35 -5.54
C ARG A 115 -20.31 -1.60 -4.09
N VAL A 116 -19.38 -1.34 -3.18
CA VAL A 116 -19.67 -1.36 -1.76
C VAL A 116 -20.63 -0.23 -1.37
N PHE A 117 -20.43 0.95 -1.97
CA PHE A 117 -21.17 2.15 -1.62
C PHE A 117 -22.11 2.60 -2.73
N LYS A 118 -23.29 3.08 -2.34
CA LYS A 118 -24.13 3.91 -3.18
C LYS A 118 -23.59 5.34 -3.12
N ASP A 119 -23.87 6.16 -4.13
CA ASP A 119 -23.49 7.57 -4.12
C ASP A 119 -24.09 8.33 -2.93
N SER A 120 -25.30 7.93 -2.52
CA SER A 120 -26.00 8.58 -1.43
C SER A 120 -25.41 8.28 -0.02
N ASP A 121 -24.64 7.20 0.10
CA ASP A 121 -24.08 6.79 1.40
C ASP A 121 -23.23 7.84 2.10
N LYS A 122 -22.45 8.61 1.33
CA LYS A 122 -21.53 9.59 1.90
C LYS A 122 -22.26 10.78 2.55
N PHE A 123 -23.46 11.06 2.04
CA PHE A 123 -24.32 12.11 2.57
C PHE A 123 -25.07 11.59 3.80
N ASP A 124 -25.60 10.38 3.70
CA ASP A 124 -26.34 9.76 4.80
C ASP A 124 -25.45 9.50 6.02
N ALA A 125 -24.13 9.46 5.82
CA ALA A 125 -23.19 9.21 6.89
C ALA A 125 -23.10 10.33 7.94
N ASN A 126 -23.69 11.50 7.65
CA ASN A 126 -23.61 12.65 8.55
C ASN A 126 -22.14 12.93 8.91
N ASP A 127 -21.32 13.06 7.88
CA ASP A 127 -19.87 13.17 8.01
C ASP A 127 -19.42 14.27 7.06
N SER A 128 -18.87 15.36 7.61
CA SER A 128 -18.58 16.57 6.83
C SER A 128 -17.54 16.34 5.72
N ILE A 129 -16.48 15.62 6.05
CA ILE A 129 -15.45 15.28 5.06
C ILE A 129 -16.03 14.37 3.98
N LEU A 130 -16.76 13.33 4.39
CA LEU A 130 -17.28 12.33 3.45
C LEU A 130 -18.21 12.92 2.39
N LYS A 131 -18.91 14.01 2.72
CA LYS A 131 -19.87 14.56 1.76
C LYS A 131 -19.17 15.29 0.60
N ASP A 132 -17.87 15.53 0.74
CA ASP A 132 -17.07 16.14 -0.33
C ASP A 132 -16.21 15.13 -1.11
N GLN A 133 -16.39 13.84 -0.82
CA GLN A 133 -15.62 12.79 -1.49
C GLN A 133 -15.94 12.74 -2.99
N THR A 134 -14.91 12.53 -3.81
CA THR A 134 -15.08 12.32 -5.25
C THR A 134 -14.52 10.98 -5.75
N GLN A 135 -13.61 10.37 -4.98
CA GLN A 135 -13.06 9.05 -5.30
C GLN A 135 -12.83 8.19 -4.04
N GLU A 136 -12.85 6.88 -4.23
CA GLU A 136 -12.60 5.90 -3.16
C GLU A 136 -11.30 5.18 -3.50
N TRP A 137 -10.26 5.41 -2.70
CA TRP A 137 -8.95 4.81 -2.92
C TRP A 137 -8.70 3.71 -1.87
N SER A 138 -7.52 3.12 -1.91
CA SER A 138 -7.30 1.79 -1.37
C SER A 138 -7.27 1.72 0.16
N GLY A 139 -7.36 0.50 0.66
CA GLY A 139 -7.29 0.26 2.09
C GLY A 139 -7.16 -1.22 2.43
N SER A 140 -7.91 -1.65 3.44
CA SER A 140 -7.91 -3.02 3.91
C SER A 140 -9.31 -3.42 4.38
N ALA A 141 -9.48 -4.68 4.73
CA ALA A 141 -10.75 -5.12 5.27
C ALA A 141 -10.50 -6.28 6.21
N THR A 142 -11.09 -6.19 7.41
CA THR A 142 -10.92 -7.19 8.43
C THR A 142 -12.26 -7.79 8.78
N PHE A 143 -12.22 -9.03 9.23
CA PHE A 143 -13.40 -9.80 9.56
C PHE A 143 -13.47 -9.89 11.07
N THR A 144 -14.42 -9.16 11.65
CA THR A 144 -14.50 -9.00 13.10
C THR A 144 -14.86 -10.30 13.78
N SER A 145 -14.68 -10.33 15.10
CA SER A 145 -14.92 -11.53 15.88
C SER A 145 -16.41 -11.81 16.05
N ASP A 146 -17.24 -10.78 15.86
CA ASP A 146 -18.70 -10.96 15.79
C ASP A 146 -19.24 -11.10 14.36
N GLY A 147 -18.35 -11.39 13.40
CA GLY A 147 -18.72 -11.80 12.05
C GLY A 147 -19.11 -10.69 11.08
N LYS A 148 -18.57 -9.49 11.26
CA LYS A 148 -18.88 -8.35 10.40
C LYS A 148 -17.73 -8.02 9.44
N ILE A 149 -18.07 -7.53 8.25
CA ILE A 149 -17.07 -7.08 7.28
C ILE A 149 -16.76 -5.62 7.58
N ARG A 150 -15.54 -5.36 8.02
CA ARG A 150 -15.11 -4.03 8.45
C ARG A 150 -14.07 -3.48 7.48
N LEU A 151 -14.50 -2.52 6.68
CA LEU A 151 -13.67 -1.91 5.65
C LEU A 151 -12.97 -0.65 6.16
N PHE A 152 -11.71 -0.49 5.76
CA PHE A 152 -10.99 0.78 5.84
C PHE A 152 -10.55 1.16 4.43
N TYR A 153 -10.66 2.45 4.09
CA TYR A 153 -10.26 2.91 2.78
C TYR A 153 -9.94 4.41 2.81
N THR A 154 -9.54 4.93 1.65
CA THR A 154 -9.13 6.31 1.51
C THR A 154 -10.23 7.15 0.84
N ASP A 155 -10.73 8.12 1.57
CA ASP A 155 -11.65 9.11 1.03
C ASP A 155 -10.81 10.20 0.34
N PHE A 156 -10.83 10.20 -0.99
CA PHE A 156 -10.16 11.25 -1.78
C PHE A 156 -11.15 12.33 -2.17
N SER A 157 -10.80 13.60 -1.94
CA SER A 157 -11.62 14.73 -2.39
C SER A 157 -10.88 15.59 -3.40
N GLY A 158 -11.31 15.53 -4.65
CA GLY A 158 -10.80 16.37 -5.72
C GLY A 158 -11.20 17.82 -5.57
N LYS A 159 -12.32 18.06 -4.89
CA LYS A 159 -12.80 19.43 -4.63
C LYS A 159 -11.97 20.18 -3.59
N HIS A 160 -11.21 19.45 -2.77
CA HIS A 160 -10.34 20.06 -1.75
C HIS A 160 -8.89 19.69 -1.94
N TYR A 161 -8.39 19.89 -3.16
CA TYR A 161 -6.96 19.81 -3.44
C TYR A 161 -6.37 18.44 -3.11
N GLY A 162 -7.14 17.39 -3.38
CA GLY A 162 -6.73 16.02 -3.12
C GLY A 162 -6.60 15.62 -1.66
N LYS A 163 -7.49 16.11 -0.81
CA LYS A 163 -7.54 15.69 0.59
C LYS A 163 -7.72 14.19 0.61
N GLN A 164 -7.01 13.51 1.52
CA GLN A 164 -7.20 12.08 1.75
C GLN A 164 -7.45 11.82 3.22
N THR A 165 -8.51 11.08 3.51
CA THR A 165 -8.95 10.83 4.88
C THR A 165 -9.15 9.34 5.10
N LEU A 166 -8.47 8.79 6.09
CA LEU A 166 -8.68 7.39 6.48
C LEU A 166 -10.12 7.23 6.96
N THR A 167 -10.83 6.26 6.38
CA THR A 167 -12.28 6.12 6.54
C THR A 167 -12.63 4.66 6.83
N THR A 168 -13.71 4.44 7.58
CA THR A 168 -14.19 3.10 7.86
C THR A 168 -15.68 2.94 7.60
N ALA A 169 -16.09 1.71 7.35
CA ALA A 169 -17.50 1.35 7.25
C ALA A 169 -17.64 -0.14 7.45
N GLN A 170 -18.76 -0.53 8.04
CA GLN A 170 -19.19 -1.92 8.05
C GLN A 170 -20.01 -2.18 6.79
N VAL A 171 -19.72 -3.27 6.09
CA VAL A 171 -20.44 -3.64 4.88
C VAL A 171 -21.37 -4.80 5.23
N ASN A 172 -22.68 -4.54 5.13
CA ASN A 172 -23.70 -5.54 5.43
C ASN A 172 -23.94 -6.42 4.22
N VAL A 173 -23.75 -7.73 4.41
CA VAL A 173 -23.69 -8.67 3.30
C VAL A 173 -24.45 -9.94 3.66
N SER A 174 -25.48 -10.25 2.87
CA SER A 174 -26.25 -11.48 3.02
C SER A 174 -25.64 -12.62 2.20
N ALA A 175 -25.60 -13.81 2.81
CA ALA A 175 -24.93 -14.96 2.25
C ALA A 175 -25.92 -16.07 2.01
N SER A 176 -25.87 -16.66 0.82
CA SER A 176 -26.63 -17.85 0.53
C SER A 176 -25.73 -18.90 -0.10
N ASP A 177 -26.30 -20.06 -0.41
CA ASP A 177 -25.57 -21.16 -1.05
C ASP A 177 -24.98 -20.76 -2.41
N SER A 178 -25.61 -19.79 -3.07
CA SER A 178 -25.25 -19.42 -4.45
C SER A 178 -24.57 -18.05 -4.59
N SER A 179 -24.96 -17.06 -3.78
CA SER A 179 -24.43 -15.70 -3.93
C SER A 179 -24.14 -14.95 -2.62
N LEU A 180 -23.42 -13.85 -2.76
CA LEU A 180 -23.36 -12.82 -1.73
C LEU A 180 -24.03 -11.57 -2.29
N ASN A 181 -24.70 -10.83 -1.40
CA ASN A 181 -25.39 -9.59 -1.76
C ASN A 181 -25.10 -8.49 -0.76
N ILE A 182 -24.52 -7.38 -1.23
CA ILE A 182 -24.40 -6.17 -0.40
C ILE A 182 -25.77 -5.49 -0.23
N ASN A 183 -26.23 -5.41 1.01
CA ASN A 183 -27.48 -4.75 1.37
C ASN A 183 -27.31 -3.27 1.63
N GLY A 184 -26.12 -2.91 2.10
CA GLY A 184 -25.81 -1.54 2.46
C GLY A 184 -24.62 -1.47 3.40
N VAL A 185 -24.38 -0.28 3.94
CA VAL A 185 -23.31 -0.05 4.91
C VAL A 185 -23.84 0.70 6.14
N GLU A 186 -23.05 0.68 7.21
CA GLU A 186 -23.35 1.44 8.41
C GLU A 186 -22.05 1.77 9.13
N ASP A 187 -22.11 2.59 10.17
CA ASP A 187 -20.92 3.01 10.89
C ASP A 187 -19.87 3.54 9.90
N TYR A 188 -20.34 4.38 8.98
CA TYR A 188 -19.55 4.88 7.88
C TYR A 188 -19.02 6.26 8.29
N LYS A 189 -17.71 6.36 8.53
CA LYS A 189 -17.15 7.54 9.15
C LYS A 189 -15.65 7.79 8.88
N SER A 190 -15.30 9.07 8.82
CA SER A 190 -13.91 9.51 8.80
C SER A 190 -13.26 9.19 10.16
N ILE A 191 -12.01 8.75 10.11
CA ILE A 191 -11.21 8.43 11.30
C ILE A 191 -10.03 9.37 11.50
N PHE A 192 -9.35 9.75 10.42
CA PHE A 192 -8.10 10.52 10.53
C PHE A 192 -7.73 11.20 9.24
N ASP A 193 -7.44 12.50 9.35
CA ASP A 193 -7.11 13.32 8.20
C ASP A 193 -5.78 14.05 8.42
N GLY A 194 -4.93 13.48 9.25
CA GLY A 194 -3.63 14.06 9.54
C GLY A 194 -3.71 15.01 10.72
N ASP A 195 -2.57 15.30 11.32
CA ASP A 195 -2.53 16.17 12.51
C ASP A 195 -1.50 17.30 12.42
N GLY A 196 -0.77 17.38 11.31
CA GLY A 196 0.21 18.42 11.10
C GLY A 196 1.59 18.16 11.68
N LYS A 197 1.65 17.57 12.87
CA LYS A 197 2.89 17.40 13.63
C LYS A 197 3.54 16.03 13.43
N THR A 198 2.71 15.00 13.27
CA THR A 198 3.18 13.64 13.02
C THR A 198 3.03 13.24 11.57
N TYR A 199 1.89 13.61 11.00
CA TYR A 199 1.55 13.30 9.62
C TYR A 199 0.98 14.53 8.95
N GLN A 200 1.46 14.80 7.73
CA GLN A 200 1.05 15.95 6.94
C GLN A 200 -0.46 15.90 6.69
N ASN A 201 -1.10 17.07 6.73
CA ASN A 201 -2.51 17.22 6.37
C ASN A 201 -2.65 18.00 5.06
N VAL A 202 -3.88 18.13 4.56
CA VAL A 202 -4.07 18.76 3.26
C VAL A 202 -3.79 20.27 3.29
N GLN A 203 -3.98 20.91 4.43
CA GLN A 203 -3.70 22.35 4.52
C GLN A 203 -2.23 22.64 4.30
N GLN A 204 -1.37 21.75 4.81
CA GLN A 204 0.07 21.90 4.66
C GLN A 204 0.48 21.73 3.20
N PHE A 205 -0.26 20.90 2.47
CA PHE A 205 -0.10 20.75 1.02
C PHE A 205 -0.49 22.04 0.31
N ILE A 206 -1.60 22.63 0.73
CA ILE A 206 -2.08 23.87 0.14
C ILE A 206 -1.15 25.05 0.49
N ASP A 207 -0.55 25.01 1.67
CA ASP A 207 0.44 26.02 2.07
C ASP A 207 1.59 26.11 1.06
N GLU A 208 2.00 24.96 0.51
CA GLU A 208 3.09 24.89 -0.49
C GLU A 208 2.69 25.38 -1.89
N GLY A 209 1.40 25.50 -2.16
CA GLY A 209 0.90 25.81 -3.49
C GLY A 209 0.33 24.58 -4.19
N ASN A 210 -0.13 23.61 -3.40
CA ASN A 210 -0.68 22.32 -3.87
C ASN A 210 0.08 21.67 -5.06
N TYR A 211 -0.62 21.27 -6.12
CA TYR A 211 0.00 20.48 -7.19
C TYR A 211 1.11 21.22 -7.95
N SER A 212 1.05 22.55 -7.98
CA SER A 212 2.06 23.37 -8.67
C SER A 212 3.41 23.37 -7.97
N SER A 213 3.42 23.02 -6.68
CA SER A 213 4.65 23.02 -5.89
C SER A 213 5.57 21.82 -6.17
N GLY A 214 5.01 20.73 -6.71
CA GLY A 214 5.74 19.47 -6.84
C GLY A 214 5.60 18.55 -5.64
N ASP A 215 4.95 19.02 -4.58
CA ASP A 215 4.76 18.20 -3.38
C ASP A 215 3.76 17.11 -3.68
N ASN A 216 3.87 15.98 -2.99
CA ASN A 216 2.95 14.87 -3.17
C ASN A 216 2.37 14.50 -1.81
N HIS A 217 1.16 14.98 -1.56
CA HIS A 217 0.47 14.73 -0.30
C HIS A 217 -0.28 13.41 -0.37
N THR A 218 -0.01 12.57 0.62
CA THR A 218 -0.63 11.26 0.73
C THR A 218 -1.12 11.04 2.17
N LEU A 219 -2.26 10.38 2.28
CA LEU A 219 -2.75 9.87 3.56
C LEU A 219 -3.77 8.80 3.23
N ARG A 220 -3.27 7.59 2.99
CA ARG A 220 -4.05 6.57 2.32
C ARG A 220 -3.58 5.14 2.55
N ASP A 221 -4.26 4.21 1.86
CA ASP A 221 -3.94 2.79 1.91
C ASP A 221 -3.83 2.23 3.33
N PRO A 222 -4.82 2.50 4.19
CA PRO A 222 -4.80 1.99 5.57
C PRO A 222 -4.94 0.47 5.67
N HIS A 223 -4.09 -0.12 6.50
CA HIS A 223 -4.08 -1.55 6.69
C HIS A 223 -4.27 -1.90 8.14
N TYR A 224 -5.30 -2.71 8.40
CA TYR A 224 -5.69 -3.04 9.75
C TYR A 224 -4.89 -4.23 10.26
N VAL A 225 -4.48 -4.16 11.52
CA VAL A 225 -3.75 -5.23 12.15
C VAL A 225 -3.96 -5.15 13.66
N GLU A 226 -3.86 -6.29 14.32
CA GLU A 226 -3.99 -6.35 15.76
C GLU A 226 -2.75 -6.97 16.39
N ASP A 227 -2.50 -6.58 17.63
CA ASP A 227 -1.52 -7.24 18.47
C ASP A 227 -1.98 -7.14 19.92
N LYS A 228 -2.18 -8.30 20.54
CA LYS A 228 -2.62 -8.39 21.94
C LYS A 228 -3.96 -7.70 22.19
N GLY A 229 -4.84 -7.74 21.18
CA GLY A 229 -6.20 -7.21 21.30
C GLY A 229 -6.31 -5.72 21.01
N HIS A 230 -5.17 -5.05 20.86
CA HIS A 230 -5.10 -3.66 20.41
C HIS A 230 -5.25 -3.57 18.91
N LYS A 231 -6.01 -2.57 18.44
CA LYS A 231 -6.33 -2.41 17.03
C LYS A 231 -5.54 -1.25 16.45
N TYR A 232 -4.95 -1.44 15.27
CA TYR A 232 -4.16 -0.38 14.62
C TYR A 232 -4.42 -0.29 13.12
N LEU A 233 -4.21 0.89 12.57
CA LEU A 233 -4.04 1.05 11.13
C LEU A 233 -2.61 1.52 10.84
N VAL A 234 -2.00 0.93 9.82
CA VAL A 234 -0.70 1.33 9.33
C VAL A 234 -0.93 1.74 7.87
N PHE A 235 -0.42 2.90 7.47
CA PHE A 235 -0.89 3.57 6.26
C PHE A 235 0.19 4.38 5.56
N GLU A 236 -0.03 4.68 4.29
CA GLU A 236 0.84 5.59 3.55
C GLU A 236 0.55 7.01 4.07
N ALA A 237 1.61 7.74 4.38
CA ALA A 237 1.48 9.12 4.80
C ALA A 237 2.73 9.90 4.40
N ASN A 238 2.85 11.09 4.98
CA ASN A 238 4.05 11.90 4.89
C ASN A 238 4.28 12.49 6.28
N THR A 239 5.53 12.79 6.62
CA THR A 239 5.85 13.30 7.95
C THR A 239 5.24 14.69 8.14
N GLY A 240 5.10 15.07 9.41
CA GLY A 240 4.69 16.40 9.81
C GLY A 240 5.86 17.19 10.34
N THR A 241 5.55 18.27 11.06
CA THR A 241 6.55 19.25 11.48
C THR A 241 7.50 18.75 12.57
N GLU A 242 7.09 17.72 13.32
CA GLU A 242 7.82 17.32 14.52
C GLU A 242 8.51 15.96 14.42
N ASP A 243 8.37 15.28 13.28
CA ASP A 243 9.08 14.02 13.05
C ASP A 243 9.89 14.05 11.75
N GLY A 244 10.52 15.19 11.48
CA GLY A 244 11.39 15.36 10.32
C GLY A 244 10.60 15.69 9.07
N TYR A 245 10.26 16.97 8.95
CA TYR A 245 9.44 17.44 7.85
C TYR A 245 10.28 17.65 6.57
N GLN A 246 9.58 17.73 5.45
CA GLN A 246 10.15 18.21 4.19
C GLN A 246 10.74 19.62 4.36
N GLY A 247 11.64 19.98 3.45
CA GLY A 247 12.25 21.30 3.43
C GLY A 247 13.73 21.25 3.08
N GLU A 248 14.30 22.43 2.86
CA GLU A 248 15.72 22.58 2.53
C GLU A 248 16.64 21.98 3.60
N GLU A 249 16.24 22.07 4.86
CA GLU A 249 17.06 21.62 5.99
C GLU A 249 17.15 20.11 6.08
N SER A 250 16.13 19.42 5.56
CA SER A 250 16.07 17.96 5.63
C SER A 250 17.26 17.29 4.96
N LEU A 251 17.88 17.93 3.96
CA LEU A 251 18.99 17.32 3.23
C LEU A 251 20.28 17.20 4.05
N PHE A 252 20.35 17.89 5.18
CA PHE A 252 21.54 17.89 6.03
C PHE A 252 21.38 16.98 7.25
N ASN A 253 20.31 16.18 7.29
CA ASN A 253 20.10 15.25 8.37
C ASN A 253 20.73 13.91 8.00
N LYS A 254 21.85 13.60 8.64
CA LYS A 254 22.63 12.38 8.37
C LYS A 254 21.85 11.08 8.55
N ALA A 255 20.79 11.12 9.37
CA ALA A 255 19.90 9.96 9.58
C ALA A 255 19.27 9.46 8.28
N TYR A 256 19.15 10.33 7.28
CA TYR A 256 18.50 9.98 6.02
C TYR A 256 19.49 9.37 5.05
N TYR A 257 20.77 9.46 5.38
CA TYR A 257 21.86 8.95 4.56
C TYR A 257 22.37 7.59 5.06
N GLY A 258 22.65 7.49 6.35
CA GLY A 258 23.22 6.29 6.93
C GLY A 258 24.65 6.05 6.51
N LYS A 259 25.15 4.84 6.79
CA LYS A 259 26.55 4.43 6.51
C LYS A 259 27.61 5.10 7.40
N SER A 260 27.86 6.39 7.16
CA SER A 260 28.95 7.12 7.80
C SER A 260 28.90 8.61 7.43
N THR A 261 29.66 9.42 8.15
CA THR A 261 29.75 10.85 7.85
C THR A 261 30.43 11.08 6.51
N SER A 262 31.43 10.27 6.20
CA SER A 262 32.09 10.35 4.89
C SER A 262 31.10 10.15 3.74
N PHE A 263 30.20 9.18 3.89
CA PHE A 263 29.16 8.96 2.89
C PHE A 263 28.18 10.13 2.86
N PHE A 264 27.82 10.66 4.02
CA PHE A 264 26.93 11.81 4.09
C PHE A 264 27.48 13.00 3.30
N ARG A 265 28.73 13.35 3.54
CA ARG A 265 29.35 14.53 2.91
C ARG A 265 29.35 14.42 1.39
N GLN A 266 29.75 13.24 0.91
CA GLN A 266 29.80 12.96 -0.52
C GLN A 266 28.42 12.92 -1.17
N GLU A 267 27.48 12.18 -0.57
CA GLU A 267 26.15 12.01 -1.15
C GLU A 267 25.33 13.29 -1.05
N SER A 268 25.45 14.01 0.06
CA SER A 268 24.69 15.23 0.28
C SER A 268 25.15 16.35 -0.66
N GLN A 269 26.45 16.45 -0.90
CA GLN A 269 26.96 17.47 -1.82
C GLN A 269 26.61 17.14 -3.27
N LYS A 270 26.61 15.84 -3.60
CA LYS A 270 26.14 15.41 -4.92
C LYS A 270 24.65 15.75 -5.09
N LEU A 271 23.86 15.49 -4.06
CA LEU A 271 22.41 15.69 -4.14
C LEU A 271 22.09 17.18 -4.27
N LEU A 272 22.81 18.02 -3.51
CA LEU A 272 22.62 19.47 -3.55
C LEU A 272 23.03 20.12 -4.89
N GLN A 273 23.88 19.43 -5.66
CA GLN A 273 24.33 19.90 -6.97
C GLN A 273 23.52 19.29 -8.11
N SER A 274 22.66 18.33 -7.78
CA SER A 274 21.90 17.59 -8.79
C SER A 274 20.56 18.26 -9.10
N ASP A 275 19.96 17.81 -10.19
CA ASP A 275 18.62 18.23 -10.58
C ASP A 275 17.51 17.63 -9.70
N LYS A 276 17.88 16.80 -8.74
CA LYS A 276 16.93 16.14 -7.85
C LYS A 276 16.87 16.78 -6.45
N LYS A 277 17.58 17.89 -6.26
CA LYS A 277 17.63 18.61 -4.98
C LYS A 277 16.23 18.95 -4.46
N ARG A 278 15.43 19.58 -5.31
CA ARG A 278 14.07 20.00 -4.95
C ARG A 278 13.18 18.81 -4.66
N THR A 279 13.24 17.80 -5.52
CA THR A 279 12.47 16.57 -5.33
C THR A 279 12.78 15.94 -3.97
N ALA A 280 14.07 15.89 -3.64
CA ALA A 280 14.53 15.31 -2.38
C ALA A 280 14.06 16.13 -1.18
N GLU A 281 14.05 17.45 -1.33
CA GLU A 281 13.59 18.34 -0.26
C GLU A 281 12.12 18.09 0.05
N LEU A 282 11.31 17.87 -0.97
CA LEU A 282 9.87 17.62 -0.83
C LEU A 282 9.54 16.19 -0.39
N ALA A 283 10.50 15.28 -0.53
CA ALA A 283 10.28 13.87 -0.24
C ALA A 283 10.30 13.59 1.26
N ASN A 284 9.15 13.22 1.81
CA ASN A 284 9.08 12.87 3.23
C ASN A 284 7.99 11.83 3.46
N GLY A 285 7.97 10.81 2.61
CA GLY A 285 7.04 9.70 2.77
C GLY A 285 7.22 9.01 4.09
N ALA A 286 6.16 8.35 4.55
CA ALA A 286 6.17 7.63 5.83
C ALA A 286 5.14 6.51 5.80
N LEU A 287 5.43 5.44 6.54
CA LEU A 287 4.41 4.46 6.90
C LEU A 287 3.99 4.79 8.33
N GLY A 288 2.85 5.48 8.44
CA GLY A 288 2.30 5.91 9.70
C GLY A 288 1.49 4.87 10.43
N MET A 289 1.13 5.19 11.67
CA MET A 289 0.39 4.27 12.52
C MET A 289 -0.49 5.04 13.49
N ILE A 290 -1.71 4.53 13.66
CA ILE A 290 -2.62 4.99 14.72
C ILE A 290 -3.26 3.77 15.39
N GLU A 291 -3.57 3.90 16.68
CA GLU A 291 -4.39 2.91 17.37
C GLU A 291 -5.85 3.33 17.28
N LEU A 292 -6.72 2.35 17.12
CA LEU A 292 -8.17 2.58 17.11
C LEU A 292 -8.81 2.09 18.40
N ASN A 293 -9.93 2.70 18.75
CA ASN A 293 -10.79 2.22 19.83
C ASN A 293 -11.59 1.03 19.30
N ASP A 294 -12.39 0.41 20.16
CA ASP A 294 -13.14 -0.79 19.79
C ASP A 294 -14.33 -0.51 18.85
N ASP A 295 -14.72 0.75 18.72
CA ASP A 295 -15.71 1.17 17.72
C ASP A 295 -15.06 1.76 16.46
N TYR A 296 -13.74 1.53 16.32
CA TYR A 296 -12.96 1.89 15.13
C TYR A 296 -12.73 3.41 14.94
N THR A 297 -12.93 4.18 16.01
CA THR A 297 -12.58 5.60 15.99
C THR A 297 -11.13 5.74 16.44
N LEU A 298 -10.60 6.97 16.39
CA LEU A 298 -9.20 7.21 16.72
C LEU A 298 -8.98 7.17 18.24
N LYS A 299 -8.10 6.27 18.68
CA LYS A 299 -7.63 6.26 20.06
C LYS A 299 -6.37 7.13 20.20
N LYS A 300 -5.37 6.87 19.37
CA LYS A 300 -4.05 7.46 19.57
C LYS A 300 -3.32 7.65 18.24
N VAL A 301 -2.82 8.86 18.00
CA VAL A 301 -1.88 9.09 16.91
C VAL A 301 -0.50 8.60 17.38
N MET A 302 0.12 7.72 16.61
CA MET A 302 1.40 7.12 16.96
C MET A 302 2.51 7.61 16.01
N LYS A 303 3.75 7.37 16.39
CA LYS A 303 4.88 7.81 15.57
C LYS A 303 5.00 6.86 14.38
N PRO A 304 5.50 7.36 13.25
CA PRO A 304 5.69 6.50 12.07
C PRO A 304 6.60 5.31 12.35
N LEU A 305 6.29 4.17 11.74
CA LEU A 305 7.15 3.00 11.82
C LEU A 305 8.44 3.23 11.02
N ILE A 306 8.31 3.88 9.87
CA ILE A 306 9.46 4.20 9.03
C ILE A 306 9.18 5.44 8.19
N ALA A 307 10.25 6.11 7.75
CA ALA A 307 10.13 7.28 6.87
C ALA A 307 11.15 7.21 5.72
N SER A 308 10.94 8.03 4.69
CA SER A 308 11.74 7.98 3.47
C SER A 308 12.19 9.37 3.01
N ASN A 309 12.46 10.25 3.98
CA ASN A 309 12.99 11.59 3.70
C ASN A 309 14.14 11.56 2.69
N THR A 310 14.01 12.43 1.67
CA THR A 310 14.97 12.60 0.57
C THR A 310 14.90 11.56 -0.55
N VAL A 311 14.42 10.35 -0.24
CA VAL A 311 14.47 9.30 -1.25
C VAL A 311 13.18 9.26 -2.07
N THR A 312 12.03 9.45 -1.42
CA THR A 312 10.76 9.55 -2.14
C THR A 312 9.64 10.08 -1.25
N ASP A 313 8.64 10.66 -1.90
CA ASP A 313 7.46 11.20 -1.24
C ASP A 313 6.32 10.17 -1.21
N GLU A 314 6.54 9.01 -1.81
CA GLU A 314 5.47 8.06 -2.06
C GLU A 314 5.86 6.63 -1.79
N ILE A 315 5.53 6.16 -0.59
CA ILE A 315 5.63 4.76 -0.22
C ILE A 315 4.23 4.26 0.13
N ALA A 316 3.72 3.37 -0.71
CA ALA A 316 2.30 3.04 -0.80
C ALA A 316 1.98 1.64 -0.30
N ARG A 317 0.66 1.38 -0.18
CA ARG A 317 0.13 0.06 0.10
C ARG A 317 0.81 -0.59 1.30
N ALA A 318 0.85 0.17 2.39
CA ALA A 318 1.39 -0.27 3.67
C ALA A 318 0.77 -1.61 4.03
N ASN A 319 1.62 -2.53 4.47
CA ASN A 319 1.20 -3.86 4.84
C ASN A 319 2.09 -4.34 5.98
N VAL A 320 1.49 -4.98 6.98
CA VAL A 320 2.24 -5.47 8.12
C VAL A 320 1.55 -6.66 8.77
N PHE A 321 2.35 -7.65 9.17
CA PHE A 321 1.82 -8.86 9.77
C PHE A 321 2.89 -9.62 10.53
N LYS A 322 2.45 -10.48 11.44
CA LYS A 322 3.35 -11.36 12.16
C LYS A 322 3.39 -12.72 11.46
N MET A 323 4.59 -13.25 11.31
CA MET A 323 4.80 -14.54 10.64
C MET A 323 5.99 -15.25 11.31
N ASN A 324 5.71 -16.41 11.90
CA ASN A 324 6.73 -17.26 12.52
C ASN A 324 7.64 -16.48 13.50
N GLY A 325 7.01 -15.68 14.34
CA GLY A 325 7.68 -15.00 15.44
C GLY A 325 8.32 -13.66 15.11
N LYS A 326 8.11 -13.17 13.89
CA LYS A 326 8.66 -11.87 13.48
C LYS A 326 7.63 -11.01 12.75
N TRP A 327 7.78 -9.69 12.86
CA TRP A 327 6.89 -8.75 12.18
C TRP A 327 7.50 -8.25 10.87
N TYR A 328 6.71 -8.25 9.81
CA TYR A 328 7.20 -7.87 8.48
C TYR A 328 6.40 -6.68 7.96
N LEU A 329 7.10 -5.66 7.49
CA LEU A 329 6.47 -4.40 7.07
C LEU A 329 6.85 -4.12 5.62
N PHE A 330 5.84 -3.97 4.76
CA PHE A 330 6.06 -3.82 3.33
C PHE A 330 5.44 -2.55 2.77
N THR A 331 6.01 -2.06 1.68
CA THR A 331 5.45 -0.95 0.94
C THR A 331 5.88 -1.01 -0.53
N ASP A 332 5.00 -0.55 -1.42
CA ASP A 332 5.30 -0.44 -2.84
C ASP A 332 5.74 0.97 -3.18
N SER A 333 6.61 1.11 -4.17
CA SER A 333 7.13 2.41 -4.54
C SER A 333 7.70 2.41 -5.95
N ARG A 334 7.52 3.53 -6.64
CA ARG A 334 7.93 3.70 -8.03
C ARG A 334 9.27 4.44 -8.12
N GLY A 335 10.23 3.82 -8.80
CA GLY A 335 11.53 4.42 -9.07
C GLY A 335 11.50 5.79 -9.74
N SER A 336 10.46 6.05 -10.52
CA SER A 336 10.26 7.33 -11.19
C SER A 336 10.14 8.50 -10.20
N LYS A 337 9.69 8.22 -8.98
CA LYS A 337 9.50 9.24 -7.96
C LYS A 337 10.63 9.27 -6.93
N MET A 338 11.66 8.44 -7.13
CA MET A 338 12.82 8.43 -6.25
C MET A 338 13.92 9.36 -6.75
N THR A 339 14.94 9.56 -5.90
CA THR A 339 16.03 10.48 -6.19
C THR A 339 17.38 9.76 -6.16
N ILE A 340 17.34 8.45 -6.36
CA ILE A 340 18.49 7.57 -6.14
C ILE A 340 19.17 7.23 -7.47
N ASP A 341 20.46 7.54 -7.59
CA ASP A 341 21.26 7.18 -8.78
C ASP A 341 21.20 5.68 -9.01
N GLY A 342 20.98 5.28 -10.25
CA GLY A 342 20.93 3.88 -10.61
C GLY A 342 19.53 3.28 -10.64
N ILE A 343 18.59 3.89 -9.91
CA ILE A 343 17.19 3.50 -9.97
C ILE A 343 16.51 4.32 -11.07
N THR A 344 15.89 3.63 -12.02
CA THR A 344 15.31 4.24 -13.22
C THR A 344 13.80 4.43 -13.09
N SER A 345 13.23 5.12 -14.07
CA SER A 345 11.80 5.38 -14.09
C SER A 345 10.97 4.12 -14.39
N ASN A 346 11.65 3.08 -14.91
CA ASN A 346 11.00 1.78 -15.14
C ASN A 346 10.91 0.92 -13.86
N ASP A 347 11.79 1.18 -12.89
CA ASP A 347 11.89 0.33 -11.71
C ASP A 347 10.71 0.52 -10.77
N ILE A 348 10.20 -0.59 -10.30
CA ILE A 348 9.05 -0.64 -9.40
C ILE A 348 9.38 -1.68 -8.33
N TYR A 349 9.03 -1.38 -7.09
CA TYR A 349 9.49 -2.16 -5.95
C TYR A 349 8.40 -2.49 -4.97
N MET A 350 8.55 -3.64 -4.33
CA MET A 350 8.04 -3.85 -2.98
C MET A 350 9.26 -3.86 -2.07
N LEU A 351 9.31 -2.92 -1.15
CA LEU A 351 10.34 -2.82 -0.13
C LEU A 351 9.82 -3.44 1.14
N GLY A 352 10.73 -3.94 1.98
CA GLY A 352 10.34 -4.68 3.16
C GLY A 352 11.32 -4.54 4.31
N TYR A 353 10.78 -4.65 5.53
CA TYR A 353 11.50 -4.45 6.78
C TYR A 353 10.98 -5.43 7.82
N VAL A 354 11.76 -5.63 8.88
CA VAL A 354 11.49 -6.67 9.87
C VAL A 354 11.81 -6.19 11.29
N SER A 355 10.99 -6.62 12.24
CA SER A 355 11.15 -6.29 13.65
C SER A 355 10.68 -7.46 14.50
N ASN A 356 11.17 -7.56 15.73
CA ASN A 356 10.63 -8.51 16.70
C ASN A 356 9.33 -7.98 17.35
N SER A 357 8.98 -6.71 17.09
CA SER A 357 7.73 -6.12 17.56
C SER A 357 7.00 -5.33 16.48
N LEU A 358 5.66 -5.31 16.57
CA LEU A 358 4.82 -4.56 15.62
C LEU A 358 5.22 -3.09 15.54
N THR A 359 5.50 -2.48 16.69
CA THR A 359 5.82 -1.06 16.76
C THR A 359 7.30 -0.73 16.58
N GLY A 360 8.12 -1.73 16.24
CA GLY A 360 9.50 -1.50 15.86
C GLY A 360 10.54 -1.82 16.94
N PRO A 361 11.82 -1.55 16.65
CA PRO A 361 12.25 -0.87 15.42
C PRO A 361 12.43 -1.84 14.23
N TYR A 362 12.22 -1.31 13.02
CA TYR A 362 12.32 -2.11 11.80
C TYR A 362 13.65 -1.91 11.12
N LYS A 363 14.27 -3.02 10.71
CA LYS A 363 15.50 -3.00 9.95
C LYS A 363 15.25 -3.62 8.56
N PRO A 364 16.07 -3.28 7.57
CA PRO A 364 15.80 -3.71 6.19
C PRO A 364 15.88 -5.23 5.97
N LEU A 365 14.96 -5.76 5.16
CA LEU A 365 15.04 -7.15 4.71
C LEU A 365 16.07 -7.21 3.59
N ASN A 366 16.83 -8.30 3.55
CA ASN A 366 17.86 -8.52 2.53
C ASN A 366 18.89 -7.39 2.52
N LYS A 367 19.19 -6.88 3.71
CA LYS A 367 20.19 -5.82 3.96
C LYS A 367 19.85 -4.41 3.45
N THR A 368 19.03 -4.30 2.41
CA THR A 368 18.79 -3.01 1.73
C THR A 368 17.35 -2.52 1.79
N GLY A 369 16.41 -3.46 1.94
CA GLY A 369 14.99 -3.15 1.84
C GLY A 369 14.33 -3.82 0.65
N LEU A 370 15.13 -4.26 -0.33
CA LEU A 370 14.59 -4.88 -1.53
C LEU A 370 13.99 -6.25 -1.22
N VAL A 371 12.76 -6.44 -1.70
CA VAL A 371 12.08 -7.73 -1.66
C VAL A 371 11.66 -8.13 -3.09
N LEU A 372 10.97 -7.22 -3.77
CA LEU A 372 10.55 -7.42 -5.15
C LEU A 372 10.94 -6.25 -6.06
N LYS A 373 11.37 -6.60 -7.28
CA LYS A 373 11.64 -5.64 -8.34
C LYS A 373 10.88 -6.06 -9.58
N MET A 374 10.29 -5.08 -10.24
CA MET A 374 9.59 -5.27 -11.50
C MET A 374 10.02 -4.08 -12.34
N ASP A 375 10.44 -4.31 -13.58
CA ASP A 375 10.92 -3.21 -14.42
C ASP A 375 10.50 -3.29 -15.89
N LEU A 376 9.37 -3.95 -16.14
CA LEU A 376 8.83 -4.07 -17.49
C LEU A 376 8.34 -2.71 -17.96
N ASP A 377 8.43 -2.50 -19.26
CA ASP A 377 7.85 -1.33 -19.91
C ASP A 377 6.38 -1.13 -19.45
N PRO A 378 5.96 0.10 -19.18
CA PRO A 378 4.55 0.38 -18.88
C PRO A 378 3.58 -0.20 -19.94
N ASN A 379 4.04 -0.33 -21.18
CA ASN A 379 3.25 -0.87 -22.28
C ASN A 379 3.07 -2.40 -22.23
N ASP A 380 3.94 -3.09 -21.50
CA ASP A 380 3.89 -4.54 -21.38
C ASP A 380 2.54 -4.98 -20.79
N VAL A 381 1.85 -5.86 -21.50
CA VAL A 381 0.59 -6.39 -21.01
C VAL A 381 0.76 -7.09 -19.66
N THR A 382 1.92 -7.70 -19.42
CA THR A 382 2.21 -8.37 -18.14
C THR A 382 2.85 -7.46 -17.06
N PHE A 383 2.97 -6.17 -17.32
CA PHE A 383 3.30 -5.18 -16.29
C PHE A 383 2.48 -5.43 -15.02
N THR A 384 3.12 -5.42 -13.87
CA THR A 384 2.39 -5.43 -12.59
C THR A 384 2.85 -4.33 -11.65
N TYR A 385 1.93 -3.91 -10.79
CA TYR A 385 2.19 -2.98 -9.70
C TYR A 385 1.32 -3.37 -8.48
N SER A 386 1.57 -2.72 -7.33
CA SER A 386 0.70 -2.83 -6.16
C SER A 386 0.82 -4.21 -5.49
N HIS A 387 2.04 -4.74 -5.50
CA HIS A 387 2.34 -6.05 -4.93
C HIS A 387 2.05 -6.07 -3.43
N PHE A 388 1.40 -7.14 -2.98
CA PHE A 388 0.84 -7.25 -1.64
C PHE A 388 1.07 -8.65 -1.11
N ALA A 389 1.74 -8.76 0.03
CA ALA A 389 2.02 -10.05 0.62
C ALA A 389 0.86 -10.47 1.52
N VAL A 390 0.21 -11.57 1.15
CA VAL A 390 -0.91 -12.13 1.90
C VAL A 390 -0.38 -13.25 2.80
N PRO A 391 -0.40 -13.05 4.11
CA PRO A 391 0.11 -14.06 5.03
C PRO A 391 -0.72 -15.34 5.00
N GLN A 392 -0.09 -16.45 5.35
CA GLN A 392 -0.74 -17.74 5.30
C GLN A 392 -0.80 -18.35 6.68
N ALA A 393 -1.74 -19.27 6.88
CA ALA A 393 -2.00 -19.88 8.19
C ALA A 393 -0.75 -20.53 8.73
N LYS A 394 -0.02 -21.24 7.87
CA LYS A 394 1.24 -21.82 8.28
C LYS A 394 2.26 -21.89 7.14
N GLY A 395 3.50 -22.19 7.50
CA GLY A 395 4.58 -22.34 6.54
C GLY A 395 5.45 -21.10 6.41
N ASN A 396 6.42 -21.20 5.51
CA ASN A 396 7.40 -20.14 5.27
C ASN A 396 7.09 -19.31 4.04
N ASN A 397 5.92 -19.52 3.43
CA ASN A 397 5.54 -18.78 2.22
C ASN A 397 4.39 -17.81 2.45
N VAL A 398 4.46 -16.65 1.81
CA VAL A 398 3.29 -15.80 1.61
C VAL A 398 2.96 -15.75 0.12
N VAL A 399 1.77 -15.27 -0.18
CA VAL A 399 1.27 -15.19 -1.55
C VAL A 399 1.30 -13.73 -1.95
N ILE A 400 1.99 -13.43 -3.05
CA ILE A 400 2.06 -12.07 -3.55
C ILE A 400 0.99 -11.87 -4.59
N THR A 401 0.01 -11.02 -4.28
CA THR A 401 -0.96 -10.56 -5.27
C THR A 401 -0.51 -9.23 -5.85
N SER A 402 -1.00 -8.93 -7.05
CA SER A 402 -0.78 -7.65 -7.71
C SER A 402 -1.81 -7.49 -8.83
N TYR A 403 -1.92 -6.27 -9.38
CA TYR A 403 -2.71 -6.06 -10.59
C TYR A 403 -1.80 -6.05 -11.81
N MET A 404 -2.36 -6.44 -12.96
CA MET A 404 -1.61 -6.61 -14.20
C MET A 404 -2.20 -5.71 -15.26
N THR A 405 -1.35 -5.23 -16.17
CA THR A 405 -1.73 -4.34 -17.27
C THR A 405 -2.15 -2.96 -16.78
N ASN A 406 -1.42 -1.92 -17.21
CA ASN A 406 -1.72 -0.54 -16.84
C ASN A 406 -3.13 -0.12 -17.25
N ARG A 407 -3.73 0.71 -16.39
CA ARG A 407 -5.06 1.28 -16.59
C ARG A 407 -5.15 2.09 -17.87
N GLY A 408 -6.20 1.86 -18.64
CA GLY A 408 -6.50 2.67 -19.81
C GLY A 408 -5.58 2.47 -21.01
N PHE A 409 -4.68 1.50 -20.94
CA PHE A 409 -3.69 1.33 -22.02
C PHE A 409 -4.26 0.63 -23.26
N TYR A 410 -5.08 -0.40 -23.06
CA TYR A 410 -5.57 -1.26 -24.14
C TYR A 410 -7.09 -1.47 -24.05
N ALA A 411 -7.77 -1.39 -25.19
CA ALA A 411 -9.22 -1.56 -25.25
C ALA A 411 -9.68 -2.96 -24.85
N ASP A 412 -8.94 -3.98 -25.26
CA ASP A 412 -9.35 -5.38 -25.05
C ASP A 412 -8.71 -6.03 -23.82
N LYS A 413 -7.70 -5.38 -23.25
CA LYS A 413 -7.01 -5.92 -22.07
C LYS A 413 -7.03 -4.89 -20.93
N GLN A 414 -7.92 -5.11 -19.96
CA GLN A 414 -8.12 -4.22 -18.82
C GLN A 414 -7.17 -4.58 -17.68
N SER A 415 -7.01 -3.65 -16.73
CA SER A 415 -6.35 -3.99 -15.48
C SER A 415 -7.09 -5.18 -14.85
N THR A 416 -6.35 -6.20 -14.45
CA THR A 416 -6.95 -7.43 -13.94
C THR A 416 -6.09 -7.98 -12.80
N PHE A 417 -6.59 -9.02 -12.12
CA PHE A 417 -5.76 -9.74 -11.15
C PHE A 417 -4.56 -10.38 -11.86
N ALA A 418 -3.36 -10.05 -11.41
CA ALA A 418 -2.15 -10.74 -11.88
C ALA A 418 -2.13 -12.17 -11.38
N PRO A 419 -1.43 -13.06 -12.10
CA PRO A 419 -1.05 -14.35 -11.53
C PRO A 419 -0.34 -14.11 -10.19
N SER A 420 -0.82 -14.75 -9.14
CA SER A 420 -0.17 -14.68 -7.85
C SER A 420 1.08 -15.54 -7.92
N PHE A 421 1.98 -15.35 -6.95
CA PHE A 421 3.13 -16.23 -6.80
C PHE A 421 3.58 -16.27 -5.35
N LEU A 422 4.59 -17.09 -5.05
CA LEU A 422 5.02 -17.29 -3.67
C LEU A 422 6.28 -16.51 -3.36
N LEU A 423 6.32 -15.93 -2.16
CA LEU A 423 7.53 -15.35 -1.59
C LEU A 423 7.84 -16.10 -0.29
N ASN A 424 9.03 -16.71 -0.25
CA ASN A 424 9.56 -17.35 0.94
C ASN A 424 10.15 -16.31 1.89
N ILE A 425 9.82 -16.42 3.18
CA ILE A 425 10.30 -15.49 4.22
C ILE A 425 10.84 -16.31 5.39
N LYS A 426 12.12 -16.10 5.72
CA LYS A 426 12.74 -16.71 6.90
C LYS A 426 13.74 -15.73 7.53
N GLY A 427 13.55 -15.43 8.81
CA GLY A 427 14.40 -14.48 9.50
C GLY A 427 14.32 -13.11 8.87
N LYS A 428 15.47 -12.55 8.48
CA LYS A 428 15.51 -11.24 7.84
C LYS A 428 15.82 -11.30 6.33
N LYS A 429 15.47 -12.41 5.69
CA LYS A 429 15.72 -12.60 4.25
C LYS A 429 14.47 -13.11 3.55
N THR A 430 14.37 -12.82 2.25
CA THR A 430 13.30 -13.34 1.42
C THR A 430 13.84 -13.80 0.06
N SER A 431 13.07 -14.65 -0.60
CA SER A 431 13.36 -15.04 -1.97
C SER A 431 12.08 -15.48 -2.66
N VAL A 432 11.94 -15.10 -3.93
CA VAL A 432 10.81 -15.54 -4.73
C VAL A 432 10.97 -17.05 -4.94
N VAL A 433 9.88 -17.78 -4.76
CA VAL A 433 9.89 -19.23 -4.93
C VAL A 433 9.87 -19.54 -6.43
N LYS A 434 10.87 -20.30 -6.87
CA LYS A 434 11.00 -20.78 -8.25
C LYS A 434 9.72 -21.40 -8.76
N ASP A 435 9.29 -20.98 -9.97
CA ASP A 435 8.12 -21.54 -10.64
C ASP A 435 6.93 -21.76 -9.70
N SER A 436 6.55 -20.71 -8.99
CA SER A 436 5.45 -20.77 -8.03
C SER A 436 4.26 -19.92 -8.48
N ILE A 437 4.14 -19.71 -9.80
CA ILE A 437 3.02 -18.93 -10.32
C ILE A 437 1.72 -19.72 -10.17
N LEU A 438 0.73 -19.03 -9.61
CA LEU A 438 -0.57 -19.60 -9.30
C LEU A 438 -1.59 -18.98 -10.25
N GLU A 439 -2.87 -19.15 -9.96
CA GLU A 439 -3.94 -18.54 -10.74
C GLU A 439 -4.02 -17.04 -10.51
N GLN A 440 -4.64 -16.34 -11.46
CA GLN A 440 -4.87 -14.90 -11.34
C GLN A 440 -5.76 -14.59 -10.13
N GLY A 441 -5.24 -13.78 -9.20
CA GLY A 441 -5.99 -13.39 -8.02
C GLY A 441 -6.09 -14.43 -6.92
N GLN A 442 -5.31 -15.50 -7.01
CA GLN A 442 -5.34 -16.55 -5.99
C GLN A 442 -4.77 -16.02 -4.68
N LEU A 443 -5.48 -16.26 -3.58
CA LEU A 443 -5.17 -15.67 -2.28
C LEU A 443 -4.42 -16.56 -1.32
N THR A 444 -4.59 -17.89 -1.45
CA THR A 444 -3.97 -18.85 -0.56
C THR A 444 -3.30 -20.02 -1.30
N VAL A 445 -2.39 -20.68 -0.60
CA VAL A 445 -1.72 -21.87 -1.13
C VAL A 445 -2.71 -23.03 -1.00
N ASN A 446 -3.28 -23.19 0.21
CA ASN A 446 -4.34 -24.17 0.50
C ASN A 446 -5.57 -23.97 -0.39
N LYS A 447 -6.13 -25.07 -0.92
CA LYS A 447 -7.17 -25.01 -1.95
C LYS A 447 -8.51 -25.58 -1.47
C1 GLC B . -1.56 5.07 -7.30
C2 GLC B . -0.17 5.27 -7.91
C3 GLC B . 0.55 6.51 -7.39
C4 GLC B . -0.37 7.73 -7.52
C5 GLC B . -1.74 7.42 -6.90
C6 GLC B . -2.70 8.57 -7.10
O2 GLC B . 0.61 4.13 -7.63
O3 GLC B . 1.78 6.74 -8.07
O4 GLC B . 0.19 8.84 -6.86
O5 GLC B . -2.32 6.25 -7.46
O6 GLC B . -3.03 8.69 -8.45
C1 FRU B . -1.30 2.36 -5.73
C2 FRU B . -2.20 3.59 -5.53
C3 FRU B . -2.63 3.74 -4.07
C4 FRU B . -3.92 4.53 -4.21
C5 FRU B . -4.49 4.03 -5.52
C6 FRU B . -5.20 5.13 -6.30
O1 FRU B . -1.54 1.74 -6.96
O2 FRU B . -1.49 4.76 -5.91
O3 FRU B . -1.65 4.38 -3.26
O4 FRU B . -4.82 4.29 -3.15
O5 FRU B . -3.42 3.50 -6.27
O6 FRU B . -5.63 4.62 -7.55
CA CA C . 6.25 15.88 0.68
#